data_5LIY
#
_entry.id   5LIY
#
_cell.length_a   79.458
_cell.length_b   79.458
_cell.length_c   49.418
_cell.angle_alpha   90.00
_cell.angle_beta   90.00
_cell.angle_gamma   120.00
#
_symmetry.space_group_name_H-M   'P 31'
#
loop_
_entity.id
_entity.type
_entity.pdbx_description
1 polymer 'Aldo-keto reductase family 1 member B10'
2 non-polymer 'NADP NICOTINAMIDE-ADENINE-DINUCLEOTIDE PHOSPHATE'
3 non-polymer '{5-chloro-2-[(pentabromobenzyl)carbamoyl]phenoxy}acetic acid'
4 non-polymer 1,2-ETHANEDIOL
5 water water
#
_entity_poly.entity_id   1
_entity_poly.type   'polypeptide(L)'
_entity_poly.pdbx_seq_one_letter_code
;MATFVELSTKAKMPIVGLGTWKSPLGKVKEAV(MLY)VAIDAGYRHIDCAYVYQNEHEVGEAIQE(MLZ)IQEKAVKRED
LFIVSKLWPTFFERPLVRKAFE(MLY)TLKDLKLSYLDVYLIHWPQGFKSGDDLFPRDDKGNAIGGKATFLDAWEAMEEL
VDEGLV(MLZ)ALGVSNFSHFQIEKLLNKPGL(MLZ)YKPVTNQVECHPYLTQEKLIQYCHS(MLY)GITVTAYSPLGSP
DRPWAKPEDPSLLEDPKIKEIAAKH(MLY)(MLZ)TAAQVLIRFHIQRNVIVIP(MLY)SVTPARIVENIQVFDFKLSDE
EMATILSFNRNWRACNLLQSSHLEDYPFNAEY
;
_entity_poly.pdbx_strand_id   X
#
loop_
_chem_comp.id
_chem_comp.type
_chem_comp.name
_chem_comp.formula
DQP non-polymer '{5-chloro-2-[(pentabromobenzyl)carbamoyl]phenoxy}acetic acid' 'C16 H9 Br5 Cl N O4'
EDO non-polymer 1,2-ETHANEDIOL 'C2 H6 O2'
NAP non-polymer 'NADP NICOTINAMIDE-ADENINE-DINUCLEOTIDE PHOSPHATE' 'C21 H28 N7 O17 P3'
#
# COMPACT_ATOMS: atom_id res chain seq x y z
N MET A 1 -0.92 18.85 5.11
CA MET A 1 -0.50 18.46 6.46
C MET A 1 0.77 17.61 6.55
N ALA A 2 0.61 16.30 6.32
CA ALA A 2 1.65 15.26 6.48
C ALA A 2 3.10 15.58 6.08
N THR A 3 4.04 15.10 6.87
N THR A 3 4.04 15.09 6.86
CA THR A 3 5.43 15.08 6.45
CA THR A 3 5.44 15.08 6.44
C THR A 3 5.60 14.01 5.35
C THR A 3 5.61 14.02 5.35
N PHE A 4 6.82 13.83 4.84
N PHE A 4 6.82 13.86 4.83
CA PHE A 4 7.03 13.00 3.67
CA PHE A 4 7.04 13.01 3.66
C PHE A 4 8.19 12.05 3.85
C PHE A 4 8.19 12.03 3.85
N VAL A 5 8.33 11.11 2.92
CA VAL A 5 9.52 10.26 2.88
C VAL A 5 10.10 10.43 1.48
N GLU A 6 11.39 10.80 1.40
CA GLU A 6 11.97 11.04 0.10
C GLU A 6 12.31 9.73 -0.60
N LEU A 7 11.80 9.57 -1.81
CA LEU A 7 12.11 8.42 -2.65
C LEU A 7 13.46 8.59 -3.34
N SER A 8 13.95 7.52 -3.98
CA SER A 8 15.22 7.57 -4.67
C SER A 8 15.19 8.48 -5.91
N THR A 9 13.98 8.77 -6.40
CA THR A 9 13.75 9.66 -7.54
C THR A 9 13.64 11.10 -7.04
N LYS A 10 13.74 11.26 -5.72
CA LYS A 10 13.61 12.54 -5.04
C LYS A 10 12.17 13.09 -4.98
N ALA A 11 11.21 12.42 -5.62
CA ALA A 11 9.79 12.70 -5.38
C ALA A 11 9.44 12.59 -3.87
N LYS A 12 8.45 13.34 -3.41
CA LYS A 12 8.10 13.34 -2.00
C LYS A 12 6.79 12.56 -1.74
N MET A 13 6.89 11.42 -1.07
CA MET A 13 5.73 10.56 -0.83
C MET A 13 5.16 10.85 0.56
N PRO A 14 3.94 11.41 0.64
CA PRO A 14 3.35 11.75 1.94
C PRO A 14 3.35 10.54 2.87
N ILE A 15 3.70 10.70 4.15
CA ILE A 15 3.95 9.53 5.00
C ILE A 15 2.66 8.85 5.51
N VAL A 16 1.55 9.60 5.53
CA VAL A 16 0.26 8.96 5.77
C VAL A 16 -0.56 9.04 4.49
N GLY A 17 -1.11 7.91 4.06
CA GLY A 17 -1.99 7.93 2.90
C GLY A 17 -3.34 7.33 3.20
N LEU A 18 -4.30 7.46 2.28
CA LEU A 18 -5.63 6.92 2.48
C LEU A 18 -5.78 5.55 1.78
N GLY A 19 -6.09 4.52 2.56
CA GLY A 19 -6.38 3.22 1.98
C GLY A 19 -7.77 3.15 1.41
N THR A 20 -7.95 2.36 0.34
CA THR A 20 -9.24 2.25 -0.30
C THR A 20 -9.73 0.81 -0.55
N TRP A 21 -8.97 -0.19 -0.11
CA TRP A 21 -9.46 -1.58 -0.22
C TRP A 21 -10.77 -1.75 0.54
N LYS A 22 -11.79 -2.21 -0.18
CA LYS A 22 -13.11 -2.52 0.40
C LYS A 22 -13.90 -1.29 0.80
N SER A 23 -13.42 -0.12 0.38
CA SER A 23 -14.22 1.09 0.53
C SER A 23 -15.41 1.05 -0.45
N PRO A 24 -16.65 0.96 0.06
CA PRO A 24 -17.75 0.66 -0.87
C PRO A 24 -18.10 1.82 -1.81
N LEU A 25 -18.72 1.52 -2.95
CA LEU A 25 -19.21 2.55 -3.85
C LEU A 25 -20.33 3.30 -3.14
N GLY A 26 -20.30 4.62 -3.17
CA GLY A 26 -21.29 5.40 -2.45
C GLY A 26 -20.78 5.78 -1.08
N LYS A 27 -19.56 5.33 -0.78
CA LYS A 27 -18.84 5.84 0.39
C LYS A 27 -17.37 6.17 0.08
N VAL A 28 -16.77 5.55 -0.94
CA VAL A 28 -15.36 5.83 -1.20
C VAL A 28 -15.15 7.27 -1.69
N LYS A 29 -16.12 7.77 -2.47
CA LYS A 29 -16.04 9.13 -2.99
C LYS A 29 -16.01 10.16 -1.86
N GLU A 30 -16.94 10.02 -0.91
CA GLU A 30 -17.00 10.94 0.23
C GLU A 30 -15.75 10.74 1.09
N ALA A 31 -15.32 9.49 1.26
CA ALA A 31 -14.06 9.20 1.95
C ALA A 31 -12.86 9.98 1.42
N VAL A 32 -12.71 10.01 0.09
CA VAL A 32 -11.60 10.71 -0.56
C VAL A 32 -11.70 12.23 -0.37
N MLY A 33 -12.94 12.74 -0.58
CA MLY A 33 -13.20 14.16 -0.40
CB MLY A 33 -14.66 14.47 -0.79
CG MLY A 33 -14.96 14.26 -2.28
CD MLY A 33 -16.45 14.25 -2.55
CE MLY A 33 -17.13 15.47 -1.95
NZ MLY A 33 -18.51 15.73 -2.51
CH1 MLY A 33 -19.23 14.45 -2.56
CH2 MLY A 33 -19.21 16.60 -1.54
C MLY A 33 -12.90 14.62 1.03
O MLY A 33 -12.24 15.64 1.24
N VAL A 34 -13.37 13.96 2.01
CA VAL A 34 -13.12 14.24 3.42
C VAL A 34 -11.62 14.19 3.70
N ALA A 35 -10.94 13.20 3.13
CA ALA A 35 -9.51 13.02 3.41
C ALA A 35 -8.68 14.17 2.84
N ILE A 36 -8.98 14.57 1.62
CA ILE A 36 -8.29 15.70 1.02
C ILE A 36 -8.53 16.97 1.84
N ASP A 37 -9.78 17.18 2.26
CA ASP A 37 -10.08 18.29 3.17
C ASP A 37 -9.26 18.21 4.45
N ALA A 38 -9.12 17.01 5.01
CA ALA A 38 -8.39 16.84 6.27
C ALA A 38 -6.89 16.93 6.05
N GLY A 39 -6.47 17.14 4.80
CA GLY A 39 -5.04 17.25 4.55
C GLY A 39 -4.31 16.02 4.00
N TYR A 40 -5.03 14.94 3.72
CA TYR A 40 -4.38 13.81 3.04
C TYR A 40 -4.03 14.21 1.61
N ARG A 41 -2.90 13.71 1.12
CA ARG A 41 -2.49 13.98 -0.26
C ARG A 41 -2.13 12.67 -0.98
N HIS A 42 -1.87 11.64 -0.21
CA HIS A 42 -1.53 10.31 -0.72
C HIS A 42 -2.75 9.40 -0.67
N ILE A 43 -3.16 8.87 -1.84
CA ILE A 43 -4.25 7.90 -1.92
C ILE A 43 -3.75 6.59 -2.50
N ASP A 44 -4.05 5.49 -1.81
CA ASP A 44 -3.62 4.17 -2.27
C ASP A 44 -4.77 3.41 -2.88
N CYS A 45 -4.61 3.04 -4.15
CA CYS A 45 -5.68 2.47 -4.96
C CYS A 45 -5.20 1.15 -5.57
N ALA A 46 -6.11 0.41 -6.20
CA ALA A 46 -5.70 -0.77 -6.95
C ALA A 46 -6.79 -1.13 -7.94
N TYR A 47 -6.39 -1.78 -9.04
CA TYR A 47 -7.33 -2.23 -10.06
C TYR A 47 -8.31 -3.20 -9.42
N VAL A 48 -7.78 -4.03 -8.54
CA VAL A 48 -8.56 -5.13 -8.06
C VAL A 48 -9.63 -4.71 -7.05
N TYR A 49 -9.56 -3.49 -6.55
CA TYR A 49 -10.57 -3.01 -5.58
C TYR A 49 -11.85 -2.65 -6.31
N GLN A 50 -11.73 -2.44 -7.62
CA GLN A 50 -12.86 -2.12 -8.50
C GLN A 50 -13.67 -0.94 -8.00
N ASN A 51 -12.97 0.06 -7.46
CA ASN A 51 -13.61 1.31 -7.03
C ASN A 51 -12.84 2.54 -7.48
N GLU A 52 -11.88 2.34 -8.38
CA GLU A 52 -11.05 3.44 -8.85
C GLU A 52 -11.84 4.53 -9.59
N HIS A 53 -12.95 4.14 -10.22
CA HIS A 53 -13.75 5.11 -10.99
C HIS A 53 -14.43 6.08 -10.03
N GLU A 54 -14.82 5.58 -8.85
CA GLU A 54 -15.38 6.45 -7.83
C GLU A 54 -14.31 7.27 -7.11
N VAL A 55 -13.11 6.71 -6.95
CA VAL A 55 -11.98 7.48 -6.43
C VAL A 55 -11.65 8.63 -7.39
N GLY A 56 -11.64 8.33 -8.69
CA GLY A 56 -11.42 9.33 -9.72
C GLY A 56 -12.39 10.51 -9.64
N GLU A 57 -13.67 10.23 -9.46
CA GLU A 57 -14.71 11.27 -9.31
CA GLU A 57 -14.67 11.30 -9.35
C GLU A 57 -14.32 12.26 -8.25
N ALA A 58 -14.01 11.73 -7.07
CA ALA A 58 -13.67 12.53 -5.92
C ALA A 58 -12.44 13.40 -6.15
N ILE A 59 -11.40 12.80 -6.72
CA ILE A 59 -10.16 13.55 -6.98
C ILE A 59 -10.41 14.72 -7.93
N GLN A 60 -11.22 14.47 -8.95
CA GLN A 60 -11.53 15.49 -9.95
C GLN A 60 -12.41 16.59 -9.34
N GLU A 61 -13.39 16.19 -8.53
CA GLU A 61 -14.22 17.14 -7.79
C GLU A 61 -13.34 18.14 -7.03
N MLZ A 62 -12.34 17.71 -6.27
CA MLZ A 62 -11.51 18.49 -5.38
CB MLZ A 62 -10.80 17.56 -4.39
CG MLZ A 62 -11.77 17.11 -3.30
CD MLZ A 62 -12.20 18.29 -2.44
CE MLZ A 62 -13.04 17.86 -1.24
NZ MLZ A 62 -13.71 18.98 -0.59
CM MLZ A 62 -15.10 18.81 -0.21
C MLZ A 62 -10.49 19.28 -6.17
O MLZ A 62 -10.09 20.35 -5.76
N ILE A 63 -9.92 18.86 -7.19
CA ILE A 63 -9.04 19.68 -8.02
C ILE A 63 -9.85 20.79 -8.69
N GLN A 64 -11.05 20.46 -9.15
N GLN A 64 -11.06 20.42 -9.13
CA GLN A 64 -11.87 21.47 -9.82
CA GLN A 64 -12.02 21.36 -9.69
C GLN A 64 -12.44 22.52 -8.86
C GLN A 64 -12.29 22.53 -8.75
N GLU A 65 -12.50 22.19 -7.57
N GLU A 65 -12.71 22.23 -7.52
CA GLU A 65 -13.01 23.12 -6.55
CA GLU A 65 -13.06 23.27 -6.55
C GLU A 65 -11.88 23.83 -5.80
C GLU A 65 -11.87 23.85 -5.76
N LYS A 66 -10.67 23.76 -6.36
CA LYS A 66 -9.47 24.43 -5.79
C LYS A 66 -8.99 23.92 -4.42
N ALA A 67 -9.55 22.81 -3.95
CA ALA A 67 -9.11 22.24 -2.68
C ALA A 67 -7.66 21.78 -2.74
N VAL A 68 -7.20 21.36 -3.92
CA VAL A 68 -5.85 20.82 -4.04
C VAL A 68 -5.42 20.89 -5.50
N LYS A 69 -4.11 20.85 -5.73
CA LYS A 69 -3.54 20.82 -7.08
C LYS A 69 -3.11 19.38 -7.39
N ARG A 70 -3.18 18.98 -8.67
CA ARG A 70 -2.76 17.62 -9.06
C ARG A 70 -1.36 17.31 -8.56
N GLU A 71 -0.42 18.23 -8.78
CA GLU A 71 0.97 17.94 -8.41
C GLU A 71 1.21 17.79 -6.89
N ASP A 72 0.26 18.20 -6.07
CA ASP A 72 0.37 17.99 -4.62
C ASP A 72 -0.25 16.68 -4.19
N LEU A 73 -0.93 16.02 -5.12
CA LEU A 73 -1.51 14.71 -4.85
C LEU A 73 -0.47 13.65 -5.16
N PHE A 74 -0.54 12.55 -4.42
CA PHE A 74 0.33 11.40 -4.66
C PHE A 74 -0.55 10.17 -4.83
N ILE A 75 -0.72 9.75 -6.08
CA ILE A 75 -1.66 8.70 -6.41
C ILE A 75 -0.95 7.41 -6.79
N VAL A 76 -1.29 6.33 -6.07
CA VAL A 76 -0.64 5.04 -6.26
C VAL A 76 -1.68 4.00 -6.66
N SER A 77 -1.37 3.21 -7.68
CA SER A 77 -2.21 2.05 -8.00
C SER A 77 -1.30 0.85 -8.22
N LYS A 78 -1.88 -0.28 -8.58
CA LYS A 78 -1.21 -1.57 -8.52
C LYS A 78 -1.66 -2.42 -9.69
N LEU A 79 -0.72 -3.16 -10.28
CA LEU A 79 -1.05 -4.07 -11.36
C LEU A 79 -1.38 -5.45 -10.78
N TRP A 80 -2.54 -6.00 -11.12
CA TRP A 80 -2.96 -7.32 -10.61
C TRP A 80 -2.26 -8.46 -11.37
N PRO A 81 -1.94 -9.59 -10.68
CA PRO A 81 -1.13 -10.63 -11.35
C PRO A 81 -1.80 -11.45 -12.46
N THR A 82 -3.06 -11.23 -12.81
CA THR A 82 -3.56 -11.83 -14.05
C THR A 82 -3.16 -11.02 -15.29
N PHE A 83 -2.47 -9.89 -15.10
CA PHE A 83 -2.17 -9.02 -16.22
C PHE A 83 -0.68 -8.86 -16.44
N PHE A 84 0.11 -9.90 -16.17
CA PHE A 84 1.57 -9.82 -16.25
C PHE A 84 2.13 -9.96 -17.67
N GLU A 85 1.34 -10.54 -18.59
CA GLU A 85 1.74 -10.54 -20.00
C GLU A 85 1.76 -9.11 -20.53
N ARG A 86 2.83 -8.76 -21.23
CA ARG A 86 3.08 -7.38 -21.68
C ARG A 86 1.87 -6.57 -22.21
N PRO A 87 1.09 -7.13 -23.16
CA PRO A 87 0.01 -6.28 -23.69
C PRO A 87 -1.11 -6.05 -22.67
N LEU A 88 -1.28 -6.99 -21.74
CA LEU A 88 -2.27 -6.86 -20.67
C LEU A 88 -1.86 -5.84 -19.60
N VAL A 89 -0.56 -5.68 -19.39
CA VAL A 89 -0.06 -4.65 -18.48
C VAL A 89 -0.58 -3.30 -18.94
N ARG A 90 -0.46 -3.05 -20.24
CA ARG A 90 -0.89 -1.79 -20.81
C ARG A 90 -2.41 -1.58 -20.69
N LYS A 91 -3.18 -2.63 -20.98
CA LYS A 91 -4.64 -2.51 -20.96
C LYS A 91 -5.20 -2.39 -19.54
N ALA A 92 -4.51 -3.00 -18.58
CA ALA A 92 -4.93 -2.93 -17.19
C ALA A 92 -4.67 -1.52 -16.70
N PHE A 93 -3.46 -1.03 -16.96
CA PHE A 93 -3.07 0.29 -16.52
C PHE A 93 -3.96 1.35 -17.11
N GLU A 94 -4.26 1.20 -18.40
CA GLU A 94 -5.13 2.16 -19.08
C GLU A 94 -6.52 2.22 -18.46
N MLY A 95 -7.04 1.08 -18.05
CA MLY A 95 -8.30 1.00 -17.32
CB MLY A 95 -8.72 -0.47 -17.15
CG MLY A 95 -9.85 -0.72 -16.14
CD MLY A 95 -11.22 -0.45 -16.69
CE MLY A 95 -12.32 -0.76 -15.69
NZ MLY A 95 -13.33 0.35 -15.66
CH1 MLY A 95 -13.98 0.37 -16.96
CH2 MLY A 95 -14.38 0.00 -14.70
C MLY A 95 -8.18 1.70 -15.97
O MLY A 95 -9.04 2.52 -15.61
N THR A 96 -7.16 1.40 -15.28
CA THR A 96 -6.84 2.10 -14.03
C THR A 96 -6.73 3.62 -14.18
N LEU A 97 -5.93 4.09 -15.13
CA LEU A 97 -5.76 5.52 -15.35
C LEU A 97 -7.07 6.19 -15.82
N LYS A 98 -7.82 5.54 -16.71
CA LYS A 98 -9.09 6.11 -17.16
C LYS A 98 -10.06 6.21 -16.00
N ASP A 99 -10.22 5.12 -15.26
CA ASP A 99 -11.04 5.13 -14.06
C ASP A 99 -10.64 6.26 -13.12
N LEU A 100 -9.34 6.43 -12.89
CA LEU A 100 -8.90 7.44 -11.93
C LEU A 100 -9.05 8.87 -12.47
N LYS A 101 -9.29 8.96 -13.79
CA LYS A 101 -9.41 10.22 -14.52
C LYS A 101 -8.17 11.09 -14.43
N LEU A 102 -7.01 10.46 -14.46
CA LEU A 102 -5.74 11.18 -14.36
C LEU A 102 -4.92 11.10 -15.64
N SER A 103 -3.92 11.96 -15.74
CA SER A 103 -3.02 11.93 -16.89
C SER A 103 -1.78 11.10 -16.56
N TYR A 104 -1.53 10.92 -15.25
CA TYR A 104 -0.40 10.10 -14.81
C TYR A 104 -0.63 9.54 -13.38
N LEU A 105 0.07 8.45 -13.08
CA LEU A 105 0.14 7.93 -11.70
C LEU A 105 1.45 8.35 -11.09
N ASP A 106 1.45 8.60 -9.79
CA ASP A 106 2.70 8.87 -9.09
C ASP A 106 3.53 7.60 -8.86
N VAL A 107 2.87 6.52 -8.48
CA VAL A 107 3.54 5.23 -8.37
C VAL A 107 2.63 4.10 -8.86
N TYR A 108 3.19 3.14 -9.59
CA TYR A 108 2.44 1.95 -9.99
C TYR A 108 3.17 0.74 -9.41
N LEU A 109 2.45 -0.10 -8.65
CA LEU A 109 3.11 -1.19 -7.97
C LEU A 109 2.76 -2.53 -8.59
N ILE A 110 3.71 -3.46 -8.59
N ILE A 110 3.70 -3.47 -8.54
CA ILE A 110 3.31 -4.85 -8.76
CA ILE A 110 3.30 -4.86 -8.73
C ILE A 110 2.56 -5.24 -7.46
C ILE A 110 2.57 -5.28 -7.45
N HIS A 111 1.28 -5.60 -7.58
CA HIS A 111 0.43 -5.93 -6.42
C HIS A 111 0.88 -7.19 -5.66
N TRP A 112 1.31 -8.21 -6.40
CA TRP A 112 1.70 -9.51 -5.83
C TRP A 112 2.69 -10.14 -6.79
N PRO A 113 3.76 -10.77 -6.25
CA PRO A 113 4.87 -11.24 -7.09
C PRO A 113 4.55 -12.45 -7.96
N GLN A 114 3.56 -13.27 -7.60
CA GLN A 114 3.29 -14.46 -8.38
C GLN A 114 2.35 -14.21 -9.55
N GLY A 115 2.73 -14.67 -10.74
CA GLY A 115 1.84 -14.59 -11.88
C GLY A 115 0.66 -15.53 -11.81
N PHE A 116 -0.54 -15.02 -12.14
CA PHE A 116 -1.75 -15.83 -12.18
C PHE A 116 -2.18 -15.97 -13.64
N LYS A 117 -3.08 -16.92 -13.93
CA LYS A 117 -3.56 -17.13 -15.30
C LYS A 117 -4.03 -15.82 -15.91
N SER A 118 -3.53 -15.53 -17.11
CA SER A 118 -3.74 -14.23 -17.76
C SER A 118 -5.20 -13.98 -18.19
N GLY A 119 -5.64 -12.72 -18.11
CA GLY A 119 -6.99 -12.38 -18.53
C GLY A 119 -7.84 -11.72 -17.46
N ASP A 120 -9.13 -11.54 -17.76
CA ASP A 120 -9.97 -10.73 -16.88
C ASP A 120 -10.75 -11.55 -15.85
N ASP A 121 -10.38 -12.82 -15.66
CA ASP A 121 -10.82 -13.53 -14.46
C ASP A 121 -9.75 -13.21 -13.42
N LEU A 122 -10.10 -12.42 -12.40
CA LEU A 122 -9.09 -11.87 -11.51
C LEU A 122 -8.62 -12.89 -10.47
N PHE A 123 -9.49 -13.85 -10.17
CA PHE A 123 -9.19 -14.82 -9.13
C PHE A 123 -9.27 -16.25 -9.66
N PRO A 124 -8.44 -16.58 -10.66
CA PRO A 124 -8.54 -17.95 -11.19
C PRO A 124 -8.13 -18.97 -10.13
N ARG A 125 -8.96 -19.97 -9.90
CA ARG A 125 -8.70 -20.95 -8.85
C ARG A 125 -9.27 -22.33 -9.21
N ASP A 126 -8.67 -23.40 -8.68
CA ASP A 126 -9.26 -24.73 -8.87
C ASP A 126 -10.43 -24.94 -7.89
N ASP A 127 -11.03 -26.13 -7.93
CA ASP A 127 -12.19 -26.46 -7.09
C ASP A 127 -11.94 -26.29 -5.59
N LYS A 128 -10.71 -26.61 -5.19
CA LYS A 128 -10.28 -26.55 -3.80
C LYS A 128 -9.91 -25.10 -3.39
N GLY A 129 -9.97 -24.17 -4.33
CA GLY A 129 -9.63 -22.79 -4.03
C GLY A 129 -8.17 -22.37 -4.22
N ASN A 130 -7.33 -23.26 -4.73
CA ASN A 130 -5.94 -22.88 -4.99
C ASN A 130 -5.79 -22.04 -6.27
N ALA A 131 -4.93 -21.03 -6.21
CA ALA A 131 -4.65 -20.13 -7.34
C ALA A 131 -4.16 -20.91 -8.56
N ILE A 132 -4.53 -20.44 -9.75
CA ILE A 132 -4.01 -21.01 -10.98
C ILE A 132 -2.96 -20.08 -11.58
N GLY A 133 -1.74 -20.59 -11.74
CA GLY A 133 -0.62 -19.78 -12.20
C GLY A 133 -0.73 -19.42 -13.68
N GLY A 134 -0.02 -18.37 -14.08
CA GLY A 134 0.13 -18.07 -15.50
C GLY A 134 1.62 -18.17 -15.71
N LYS A 135 2.08 -18.23 -16.95
CA LYS A 135 3.52 -18.33 -17.20
C LYS A 135 4.25 -16.98 -17.11
N ALA A 136 3.57 -15.87 -17.39
CA ALA A 136 4.24 -14.58 -17.30
C ALA A 136 4.71 -14.32 -15.86
N THR A 137 5.88 -13.70 -15.69
CA THR A 137 6.39 -13.47 -14.33
C THR A 137 6.36 -11.99 -13.98
N PHE A 138 6.67 -11.65 -12.73
CA PHE A 138 6.72 -10.24 -12.37
C PHE A 138 7.83 -9.46 -13.10
N LEU A 139 8.80 -10.19 -13.64
CA LEU A 139 9.84 -9.52 -14.43
C LEU A 139 9.26 -9.14 -15.80
N ASP A 140 8.47 -10.03 -16.40
CA ASP A 140 7.77 -9.69 -17.64
C ASP A 140 6.91 -8.46 -17.42
N ALA A 141 6.20 -8.43 -16.29
CA ALA A 141 5.35 -7.28 -15.95
C ALA A 141 6.19 -6.01 -15.84
N TRP A 142 7.30 -6.10 -15.10
CA TRP A 142 8.15 -4.94 -14.85
C TRP A 142 8.62 -4.30 -16.15
N GLU A 143 9.00 -5.15 -17.09
CA GLU A 143 9.43 -4.70 -18.41
C GLU A 143 8.37 -3.78 -19.02
N ALA A 144 7.13 -4.25 -19.09
CA ALA A 144 6.08 -3.44 -19.69
C ALA A 144 5.77 -2.23 -18.83
N MET A 145 5.95 -2.36 -17.52
CA MET A 145 5.73 -1.20 -16.66
C MET A 145 6.75 -0.09 -16.88
N GLU A 146 7.97 -0.48 -17.24
CA GLU A 146 9.02 0.51 -17.46
C GLU A 146 8.71 1.41 -18.67
N GLU A 147 7.89 0.90 -19.59
N GLU A 147 7.91 0.91 -19.60
CA GLU A 147 7.45 1.70 -20.73
CA GLU A 147 7.47 1.71 -20.73
C GLU A 147 6.62 2.88 -20.27
C GLU A 147 6.61 2.88 -20.28
N LEU A 148 5.73 2.61 -19.32
CA LEU A 148 4.84 3.64 -18.79
C LEU A 148 5.64 4.80 -18.24
N VAL A 149 6.74 4.49 -17.55
CA VAL A 149 7.62 5.52 -17.03
C VAL A 149 8.35 6.26 -18.15
N ASP A 150 8.82 5.51 -19.15
CA ASP A 150 9.48 6.13 -20.30
C ASP A 150 8.53 7.16 -20.93
N GLU A 151 7.25 6.81 -21.02
CA GLU A 151 6.23 7.69 -21.63
C GLU A 151 5.67 8.73 -20.67
N GLY A 152 6.15 8.74 -19.43
CA GLY A 152 5.67 9.68 -18.42
C GLY A 152 4.26 9.41 -17.93
N LEU A 153 3.74 8.21 -18.16
CA LEU A 153 2.39 7.90 -17.70
C LEU A 153 2.45 7.51 -16.22
N VAL A 154 3.66 7.18 -15.75
CA VAL A 154 3.88 6.83 -14.35
C VAL A 154 5.21 7.41 -13.93
N MLZ A 155 5.30 8.08 -12.80
CA MLZ A 155 6.51 8.76 -12.36
CB MLZ A 155 6.23 9.87 -11.34
CG MLZ A 155 5.30 10.97 -11.85
CD MLZ A 155 5.94 11.66 -13.06
CE MLZ A 155 5.02 12.71 -13.68
NZ MLZ A 155 5.55 13.20 -14.92
CM MLZ A 155 5.00 12.76 -16.18
C MLZ A 155 7.49 7.79 -11.75
O MLZ A 155 8.68 8.00 -11.89
N ALA A 156 6.92 6.70 -11.19
CA ALA A 156 7.79 5.71 -10.52
C ALA A 156 7.13 4.36 -10.32
N LEU A 157 7.95 3.32 -10.23
CA LEU A 157 7.49 1.95 -10.09
C LEU A 157 7.80 1.41 -8.68
N GLY A 158 6.97 0.48 -8.21
CA GLY A 158 7.23 -0.14 -6.93
C GLY A 158 6.75 -1.57 -6.91
N VAL A 159 6.92 -2.24 -5.77
CA VAL A 159 6.46 -3.61 -5.62
C VAL A 159 5.58 -3.76 -4.38
N SER A 160 4.88 -4.87 -4.26
CA SER A 160 4.06 -5.10 -3.06
C SER A 160 4.09 -6.57 -2.74
N ASN A 161 4.28 -6.87 -1.46
CA ASN A 161 4.32 -8.25 -0.97
C ASN A 161 5.53 -9.02 -1.48
N PHE A 162 6.64 -8.32 -1.64
CA PHE A 162 7.89 -8.93 -2.07
C PHE A 162 8.76 -9.21 -0.86
N SER A 163 9.34 -10.40 -0.80
CA SER A 163 10.37 -10.66 0.21
C SER A 163 11.67 -10.10 -0.32
N HIS A 164 12.74 -10.14 0.47
CA HIS A 164 14.00 -9.56 0.00
C HIS A 164 14.62 -10.37 -1.13
N PHE A 165 14.28 -11.65 -1.21
CA PHE A 165 14.77 -12.48 -2.31
C PHE A 165 14.22 -12.04 -3.64
N GLN A 166 12.94 -11.71 -3.67
CA GLN A 166 12.34 -11.31 -4.92
C GLN A 166 12.72 -9.89 -5.29
N ILE A 167 13.00 -9.06 -4.29
CA ILE A 167 13.54 -7.73 -4.59
C ILE A 167 14.97 -7.87 -5.12
N GLU A 168 15.79 -8.72 -4.48
CA GLU A 168 17.10 -9.06 -5.02
C GLU A 168 16.99 -9.53 -6.48
N LYS A 169 16.08 -10.46 -6.72
CA LYS A 169 15.78 -10.94 -8.07
C LYS A 169 15.51 -9.77 -9.00
N LEU A 170 14.78 -8.78 -8.50
CA LEU A 170 14.42 -7.63 -9.33
C LEU A 170 15.62 -6.70 -9.56
N LEU A 171 16.32 -6.34 -8.49
CA LEU A 171 17.48 -5.45 -8.60
C LEU A 171 18.64 -6.07 -9.39
N ASN A 172 18.75 -7.41 -9.35
CA ASN A 172 19.82 -8.13 -10.05
C ASN A 172 19.47 -8.57 -11.48
N LYS A 173 18.35 -8.09 -12.00
CA LYS A 173 17.96 -8.35 -13.38
C LYS A 173 18.87 -7.52 -14.29
N PRO A 174 19.62 -8.19 -15.17
CA PRO A 174 20.43 -7.41 -16.12
C PRO A 174 19.45 -6.71 -17.03
N GLY A 175 19.67 -5.43 -17.34
CA GLY A 175 18.80 -4.73 -18.28
C GLY A 175 17.73 -3.88 -17.64
N LEU A 176 17.70 -3.85 -16.30
CA LEU A 176 16.76 -3.04 -15.51
C LEU A 176 16.89 -1.55 -15.81
N MLZ A 177 15.78 -0.89 -16.16
CA MLZ A 177 15.81 0.52 -16.47
CB MLZ A 177 14.73 0.83 -17.49
CG MLZ A 177 15.06 0.23 -18.85
CD MLZ A 177 14.30 0.94 -19.96
CE MLZ A 177 13.35 -0.03 -20.67
NZ MLZ A 177 12.45 0.66 -21.57
CM MLZ A 177 12.55 0.45 -23.01
C MLZ A 177 15.56 1.33 -15.22
O MLZ A 177 16.29 2.30 -14.96
N TYR A 178 14.56 0.94 -14.45
CA TYR A 178 14.22 1.64 -13.21
C TYR A 178 14.19 0.69 -12.02
N LYS A 179 14.30 1.26 -10.82
CA LYS A 179 14.27 0.47 -9.60
C LYS A 179 12.97 0.74 -8.81
N PRO A 180 12.54 -0.22 -7.97
CA PRO A 180 11.34 0.04 -7.16
C PRO A 180 11.59 1.12 -6.10
N VAL A 181 10.64 2.04 -5.97
CA VAL A 181 10.80 3.13 -5.02
C VAL A 181 10.23 2.74 -3.65
N THR A 182 9.35 1.73 -3.62
CA THR A 182 8.74 1.32 -2.36
C THR A 182 8.41 -0.16 -2.41
N ASN A 183 8.38 -0.80 -1.24
CA ASN A 183 7.83 -2.15 -1.08
C ASN A 183 6.65 -2.05 -0.11
N GLN A 184 5.43 -2.24 -0.63
CA GLN A 184 4.23 -2.14 0.20
C GLN A 184 3.89 -3.50 0.79
N VAL A 185 3.99 -3.62 2.11
CA VAL A 185 3.77 -4.89 2.78
C VAL A 185 2.96 -4.67 4.04
N GLU A 186 2.38 -5.74 4.57
CA GLU A 186 1.68 -5.67 5.83
C GLU A 186 2.69 -5.32 6.91
N CYS A 187 2.32 -4.41 7.80
CA CYS A 187 3.24 -4.03 8.85
C CYS A 187 2.51 -3.37 10.00
N HIS A 188 2.84 -3.81 11.21
CA HIS A 188 2.18 -3.34 12.41
C HIS A 188 2.91 -3.97 13.61
N PRO A 189 2.46 -3.69 14.84
CA PRO A 189 3.22 -4.24 15.97
C PRO A 189 3.32 -5.77 16.07
N TYR A 190 2.48 -6.51 15.36
CA TYR A 190 2.55 -7.97 15.40
C TYR A 190 3.43 -8.53 14.29
N LEU A 191 3.72 -7.70 13.29
CA LEU A 191 4.50 -8.09 12.11
C LEU A 191 5.31 -6.85 11.81
N THR A 192 6.42 -6.70 12.55
N THR A 192 6.44 -6.75 12.50
CA THR A 192 7.18 -5.44 12.56
CA THR A 192 7.15 -5.49 12.57
C THR A 192 8.16 -5.31 11.41
C THR A 192 8.16 -5.34 11.43
N GLN A 193 8.40 -6.43 10.72
CA GLN A 193 9.20 -6.43 9.50
C GLN A 193 10.61 -5.85 9.63
N GLU A 194 11.26 -6.04 10.78
CA GLU A 194 12.55 -5.41 11.01
C GLU A 194 13.57 -5.72 9.91
N LYS A 195 13.66 -6.99 9.54
CA LYS A 195 14.70 -7.38 8.59
C LYS A 195 14.39 -6.87 7.20
N LEU A 196 13.12 -6.97 6.81
CA LEU A 196 12.71 -6.49 5.49
C LEU A 196 12.89 -4.98 5.35
N ILE A 197 12.48 -4.23 6.38
CA ILE A 197 12.64 -2.77 6.38
C ILE A 197 14.12 -2.39 6.31
N GLN A 198 14.93 -3.01 7.15
N GLN A 198 14.94 -3.04 7.13
CA GLN A 198 16.39 -2.81 7.12
CA GLN A 198 16.39 -2.83 7.11
C GLN A 198 16.92 -3.08 5.70
C GLN A 198 16.95 -3.09 5.72
N TYR A 199 16.56 -4.22 5.13
CA TYR A 199 16.96 -4.55 3.77
C TYR A 199 16.58 -3.46 2.77
N CYS A 200 15.29 -3.09 2.74
CA CYS A 200 14.80 -2.16 1.71
C CYS A 200 15.47 -0.81 1.83
N HIS A 201 15.57 -0.35 3.06
CA HIS A 201 16.15 0.96 3.33
C HIS A 201 17.59 1.05 2.82
N SER A 202 18.34 -0.03 2.99
CA SER A 202 19.74 -0.11 2.51
C SER A 202 19.85 -0.18 0.99
N MLY A 203 18.82 -0.49 0.32
CA MLY A 203 18.82 -0.54 -1.14
CB MLY A 203 18.08 -1.77 -1.65
CG MLY A 203 18.67 -3.13 -1.26
CD MLY A 203 20.17 -3.23 -1.53
CE MLY A 203 20.72 -4.58 -1.06
NZ MLY A 203 22.22 -4.75 -1.14
CH1 MLY A 203 22.61 -4.98 -2.54
CH2 MLY A 203 22.86 -3.49 -0.71
C MLY A 203 18.13 0.70 -1.66
O MLY A 203 17.81 0.79 -2.85
N GLY A 204 17.78 1.71 -0.84
CA GLY A 204 17.12 2.94 -1.26
C GLY A 204 15.67 2.70 -1.59
N ILE A 205 15.08 1.70 -0.96
CA ILE A 205 13.67 1.38 -1.17
C ILE A 205 12.90 1.69 0.12
N THR A 206 11.84 2.50 0.02
CA THR A 206 11.02 2.80 1.19
C THR A 206 10.07 1.63 1.46
N VAL A 207 9.45 1.63 2.62
CA VAL A 207 8.43 0.62 2.93
C VAL A 207 7.10 1.36 3.12
N THR A 208 6.03 0.82 2.54
CA THR A 208 4.68 1.32 2.80
C THR A 208 3.93 0.26 3.61
N ALA A 209 3.50 0.62 4.82
CA ALA A 209 2.86 -0.30 5.73
C ALA A 209 1.38 -0.43 5.40
N TYR A 210 0.94 -1.64 5.06
CA TYR A 210 -0.51 -1.82 4.91
C TYR A 210 -1.15 -2.56 6.11
N SER A 211 -2.47 -2.50 6.20
CA SER A 211 -3.17 -3.04 7.36
C SER A 211 -2.62 -2.58 8.71
N PRO A 212 -2.30 -1.28 8.85
CA PRO A 212 -1.68 -0.87 10.12
C PRO A 212 -2.57 -1.04 11.35
N LEU A 213 -3.88 -1.18 11.17
CA LEU A 213 -4.78 -1.28 12.33
C LEU A 213 -5.18 -2.72 12.56
N GLY A 214 -4.48 -3.64 11.91
CA GLY A 214 -4.80 -5.05 11.98
C GLY A 214 -5.98 -5.42 11.10
N SER A 215 -6.37 -4.51 10.21
CA SER A 215 -7.45 -4.78 9.24
C SER A 215 -8.65 -5.51 9.87
N PRO A 216 -9.26 -4.93 10.91
CA PRO A 216 -10.27 -5.64 11.73
C PRO A 216 -11.58 -5.96 11.02
N ASP A 217 -11.78 -5.47 9.80
CA ASP A 217 -12.99 -5.76 9.06
C ASP A 217 -12.77 -6.84 8.00
N ARG A 218 -11.58 -7.43 7.98
CA ARG A 218 -11.29 -8.46 6.99
C ARG A 218 -12.30 -9.59 7.18
N PRO A 219 -12.89 -10.08 6.07
CA PRO A 219 -14.02 -11.00 6.12
C PRO A 219 -13.65 -12.37 6.69
N TRP A 220 -12.36 -12.70 6.64
CA TRP A 220 -11.87 -13.99 7.10
C TRP A 220 -11.38 -13.96 8.54
N ALA A 221 -11.69 -12.88 9.24
CA ALA A 221 -11.31 -12.71 10.64
C ALA A 221 -12.04 -13.66 11.60
N LYS A 222 -11.26 -14.35 12.44
CA LYS A 222 -11.78 -15.17 13.54
C LYS A 222 -11.72 -14.38 14.85
N PRO A 223 -12.73 -14.56 15.73
CA PRO A 223 -12.72 -13.82 17.01
C PRO A 223 -11.49 -14.09 17.88
N GLU A 224 -10.87 -15.25 17.73
CA GLU A 224 -9.63 -15.57 18.44
C GLU A 224 -8.40 -14.90 17.83
N ASP A 225 -8.50 -14.48 16.57
CA ASP A 225 -7.42 -13.73 15.91
C ASP A 225 -7.04 -12.51 16.77
N PRO A 226 -5.74 -12.25 16.91
CA PRO A 226 -5.32 -11.09 17.70
C PRO A 226 -5.90 -9.79 17.14
N SER A 227 -6.22 -8.85 18.01
CA SER A 227 -6.82 -7.58 17.59
C SER A 227 -5.99 -6.43 18.13
N LEU A 228 -5.32 -5.71 17.24
CA LEU A 228 -4.39 -4.66 17.64
C LEU A 228 -5.05 -3.48 18.31
N LEU A 229 -6.25 -3.13 17.84
CA LEU A 229 -6.96 -1.98 18.40
C LEU A 229 -7.48 -2.25 19.79
N GLU A 230 -7.65 -3.53 20.14
CA GLU A 230 -8.12 -3.86 21.48
C GLU A 230 -6.96 -4.30 22.38
N ASP A 231 -5.74 -4.22 21.87
CA ASP A 231 -4.56 -4.69 22.62
C ASP A 231 -4.29 -3.76 23.80
N PRO A 232 -4.37 -4.30 25.04
CA PRO A 232 -4.25 -3.47 26.26
C PRO A 232 -2.91 -2.74 26.34
N LYS A 233 -1.84 -3.37 25.86
CA LYS A 233 -0.55 -2.73 25.88
C LYS A 233 -0.48 -1.58 24.88
N ILE A 234 -1.16 -1.74 23.74
CA ILE A 234 -1.26 -0.64 22.78
C ILE A 234 -2.13 0.45 23.38
N LYS A 235 -3.25 0.05 23.97
CA LYS A 235 -4.18 1.01 24.59
C LYS A 235 -3.54 1.77 25.74
N GLU A 236 -2.65 1.10 26.46
CA GLU A 236 -1.92 1.74 27.57
C GLU A 236 -1.11 2.93 27.04
N ILE A 237 -0.37 2.70 25.97
CA ILE A 237 0.44 3.76 25.37
C ILE A 237 -0.42 4.92 24.81
N ALA A 238 -1.57 4.61 24.23
CA ALA A 238 -2.44 5.65 23.71
C ALA A 238 -2.98 6.56 24.82
N ALA A 239 -3.51 5.94 25.88
CA ALA A 239 -3.98 6.63 27.07
C ALA A 239 -2.90 7.54 27.64
N LYS A 240 -1.65 7.07 27.61
CA LYS A 240 -0.53 7.89 28.10
C LYS A 240 -0.37 9.19 27.34
N HIS A 241 -0.85 9.26 26.10
CA HIS A 241 -0.75 10.48 25.31
C HIS A 241 -2.12 11.11 25.12
N MLY A 242 -3.09 10.57 25.73
CA MLY A 242 -4.48 10.98 25.52
CB MLY A 242 -4.76 12.36 26.12
CG MLY A 242 -4.38 12.45 27.57
CD MLY A 242 -4.95 13.66 28.27
CE MLY A 242 -4.41 13.74 29.70
NZ MLY A 242 -5.44 13.99 30.73
CH1 MLY A 242 -4.83 13.70 32.03
CH2 MLY A 242 -6.53 13.04 30.55
C MLY A 242 -4.85 10.92 24.05
O MLY A 242 -5.47 11.83 23.51
N MLZ A 243 -4.42 9.83 23.40
CA MLZ A 243 -4.64 9.59 21.97
CB MLZ A 243 -3.29 9.55 21.24
CG MLZ A 243 -2.64 10.93 21.21
CD MLZ A 243 -3.25 11.76 20.08
CE MLZ A 243 -2.85 13.24 20.14
NZ MLZ A 243 -2.95 13.83 18.82
CM MLZ A 243 -4.25 14.05 18.22
C MLZ A 243 -5.35 8.27 21.83
O MLZ A 243 -5.54 7.55 22.82
N THR A 244 -5.77 7.86 20.60
CA THR A 244 -6.46 6.59 20.38
C THR A 244 -5.43 5.53 20.04
N ALA A 245 -5.83 4.27 20.06
CA ALA A 245 -4.93 3.19 19.71
C ALA A 245 -4.53 3.31 18.24
N ALA A 246 -5.48 3.67 17.40
CA ALA A 246 -5.26 3.81 15.96
C ALA A 246 -4.16 4.86 15.75
N GLN A 247 -4.23 5.95 16.49
CA GLN A 247 -3.24 7.00 16.34
C GLN A 247 -1.86 6.50 16.74
N VAL A 248 -1.77 5.69 17.78
CA VAL A 248 -0.49 5.12 18.16
C VAL A 248 0.05 4.11 17.12
N LEU A 249 -0.84 3.28 16.58
CA LEU A 249 -0.43 2.30 15.58
C LEU A 249 0.00 2.98 14.29
N ILE A 250 -0.55 4.15 14.03
CA ILE A 250 -0.15 4.90 12.83
C ILE A 250 1.20 5.61 13.04
N ARG A 251 1.33 6.28 14.19
CA ARG A 251 2.53 7.04 14.54
C ARG A 251 3.74 6.10 14.69
N PHE A 252 3.49 4.86 15.09
CA PHE A 252 4.54 3.85 15.17
C PHE A 252 5.34 3.81 13.86
N HIS A 253 4.64 3.82 12.74
CA HIS A 253 5.32 3.76 11.44
C HIS A 253 6.07 5.04 11.10
N ILE A 254 5.41 6.18 11.27
CA ILE A 254 6.02 7.48 11.02
C ILE A 254 7.40 7.59 11.69
N GLN A 255 7.52 7.10 12.92
CA GLN A 255 8.79 7.22 13.63
C GLN A 255 9.88 6.25 13.13
N ARG A 256 9.49 5.27 12.32
CA ARG A 256 10.46 4.37 11.72
C ARG A 256 10.72 4.81 10.29
N ASN A 257 10.24 6.00 9.94
CA ASN A 257 10.26 6.49 8.57
C ASN A 257 9.54 5.58 7.56
N VAL A 258 8.46 4.94 7.99
CA VAL A 258 7.73 4.04 7.10
C VAL A 258 6.38 4.65 6.73
N ILE A 259 6.10 4.70 5.43
CA ILE A 259 4.84 5.22 4.91
C ILE A 259 3.69 4.30 5.37
N VAL A 260 2.53 4.89 5.65
CA VAL A 260 1.45 4.11 6.24
C VAL A 260 0.08 4.51 5.69
N ILE A 261 -0.76 3.52 5.38
CA ILE A 261 -1.99 3.78 4.65
C ILE A 261 -3.29 3.23 5.29
N PRO A 262 -3.68 3.76 6.46
CA PRO A 262 -4.91 3.25 7.09
C PRO A 262 -6.12 3.51 6.20
N MLY A 263 -7.02 2.52 6.09
CA MLY A 263 -8.22 2.69 5.29
CB MLY A 263 -8.57 1.37 4.58
CG MLY A 263 -9.95 1.35 3.87
CD MLY A 263 -11.03 0.63 4.71
CE MLY A 263 -12.39 0.67 4.04
NZ MLY A 263 -13.42 0.20 5.01
CH1 MLY A 263 -14.74 0.31 4.41
CH2 MLY A 263 -13.16 -1.23 5.29
C MLY A 263 -9.39 3.09 6.18
O MLY A 263 -9.60 2.49 7.24
N SER A 264 -10.15 4.09 5.74
CA SER A 264 -11.44 4.33 6.37
C SER A 264 -12.37 5.02 5.40
N VAL A 265 -13.67 4.77 5.56
CA VAL A 265 -14.68 5.54 4.86
C VAL A 265 -15.51 6.33 5.87
N THR A 266 -15.07 6.32 7.12
CA THR A 266 -15.76 7.06 8.17
C THR A 266 -15.08 8.39 8.40
N PRO A 267 -15.78 9.49 8.13
CA PRO A 267 -15.20 10.84 8.24
C PRO A 267 -14.46 11.08 9.56
N ALA A 268 -15.05 10.79 10.72
CA ALA A 268 -14.31 10.97 11.98
C ALA A 268 -13.00 10.18 12.05
N ARG A 269 -12.98 8.93 11.54
CA ARG A 269 -11.77 8.11 11.66
C ARG A 269 -10.70 8.58 10.69
N ILE A 270 -11.15 8.95 9.49
CA ILE A 270 -10.24 9.51 8.50
C ILE A 270 -9.53 10.72 9.08
N VAL A 271 -10.29 11.61 9.74
CA VAL A 271 -9.68 12.78 10.39
C VAL A 271 -8.76 12.35 11.55
N GLU A 272 -9.28 11.51 12.44
CA GLU A 272 -8.48 10.94 13.53
C GLU A 272 -7.15 10.35 13.07
N ASN A 273 -7.18 9.61 11.97
CA ASN A 273 -6.01 8.87 11.49
C ASN A 273 -4.86 9.75 11.00
N ILE A 274 -5.12 11.02 10.72
CA ILE A 274 -4.04 11.89 10.25
C ILE A 274 -3.60 12.94 11.30
N GLN A 275 -4.27 12.93 12.44
N GLN A 275 -4.27 12.96 12.44
CA GLN A 275 -3.86 13.73 13.60
CA GLN A 275 -3.80 13.83 13.51
C GLN A 275 -2.79 12.99 14.38
C GLN A 275 -2.80 13.07 14.36
N VAL A 276 -1.63 12.81 13.76
CA VAL A 276 -0.58 12.02 14.34
C VAL A 276 0.73 12.80 14.26
N PHE A 277 0.62 14.12 14.09
CA PHE A 277 1.79 15.00 13.98
C PHE A 277 1.90 15.99 15.14
N ASP A 278 1.22 15.68 16.23
CA ASP A 278 1.24 16.55 17.42
C ASP A 278 1.57 15.79 18.72
N PHE A 279 2.08 14.57 18.58
CA PHE A 279 2.62 13.80 19.71
C PHE A 279 3.80 12.95 19.23
N LYS A 280 4.58 12.44 20.16
CA LYS A 280 5.71 11.61 19.80
C LYS A 280 5.77 10.41 20.74
N LEU A 281 5.95 9.22 20.18
CA LEU A 281 6.15 8.05 21.02
C LEU A 281 7.60 8.11 21.51
N SER A 282 7.83 7.91 22.80
CA SER A 282 9.19 7.96 23.33
C SER A 282 10.00 6.76 22.88
N ASP A 283 11.30 6.77 23.16
CA ASP A 283 12.14 5.68 22.69
C ASP A 283 11.75 4.36 23.37
N GLU A 284 11.34 4.46 24.63
CA GLU A 284 10.93 3.26 25.36
C GLU A 284 9.58 2.76 24.86
N GLU A 285 8.70 3.67 24.47
CA GLU A 285 7.40 3.26 23.92
C GLU A 285 7.62 2.54 22.58
N MET A 286 8.53 3.06 21.75
CA MET A 286 8.86 2.40 20.48
C MET A 286 9.43 0.99 20.71
N ALA A 287 10.30 0.88 21.71
CA ALA A 287 10.93 -0.39 22.03
C ALA A 287 9.87 -1.37 22.43
N THR A 288 9.03 -0.97 23.37
CA THR A 288 7.92 -1.80 23.84
C THR A 288 7.03 -2.26 22.69
N ILE A 289 6.60 -1.32 21.84
CA ILE A 289 5.74 -1.65 20.71
C ILE A 289 6.42 -2.68 19.78
N LEU A 290 7.72 -2.47 19.52
CA LEU A 290 8.50 -3.36 18.67
C LEU A 290 8.56 -4.78 19.23
N SER A 291 8.55 -4.88 20.56
CA SER A 291 8.67 -6.17 21.22
C SER A 291 7.44 -7.04 20.98
N PHE A 292 6.34 -6.42 20.53
CA PHE A 292 5.09 -7.16 20.33
C PHE A 292 5.13 -8.07 19.11
N ASN A 293 6.19 -8.00 18.32
CA ASN A 293 6.32 -8.84 17.12
C ASN A 293 6.07 -10.31 17.43
N ARG A 294 5.19 -10.93 16.68
CA ARG A 294 4.99 -12.37 16.77
C ARG A 294 4.82 -12.96 15.37
N ASN A 295 5.25 -12.21 14.35
CA ASN A 295 5.17 -12.65 12.96
C ASN A 295 3.77 -13.06 12.56
N TRP A 296 2.79 -12.30 13.01
CA TRP A 296 1.40 -12.61 12.70
C TRP A 296 0.95 -11.84 11.47
N ARG A 297 0.45 -12.53 10.46
CA ARG A 297 -0.10 -11.85 9.29
C ARG A 297 -1.61 -11.87 9.31
N ALA A 298 -2.22 -10.70 9.18
CA ALA A 298 -3.66 -10.62 9.01
C ALA A 298 -4.00 -11.01 7.59
N CYS A 299 -3.08 -10.74 6.67
CA CYS A 299 -3.28 -11.05 5.25
C CYS A 299 -2.37 -12.19 4.84
N ASN A 300 -2.97 -13.38 4.72
CA ASN A 300 -2.28 -14.61 4.33
C ASN A 300 -3.26 -15.59 3.69
N LEU A 301 -2.75 -16.61 3.01
CA LEU A 301 -3.62 -17.52 2.26
C LEU A 301 -3.16 -18.96 2.34
N LEU A 302 -1.92 -19.18 1.93
CA LEU A 302 -1.37 -20.52 1.70
C LEU A 302 -2.13 -21.20 0.56
N GLN A 303 -2.87 -20.38 -0.21
CA GLN A 303 -3.68 -20.85 -1.32
C GLN A 303 -2.96 -20.57 -2.63
N SER A 304 -1.72 -20.09 -2.54
CA SER A 304 -0.92 -19.80 -3.72
C SER A 304 0.53 -20.19 -3.48
N SER A 305 0.78 -20.93 -2.40
CA SER A 305 2.12 -21.36 -2.05
C SER A 305 2.69 -22.31 -3.10
N HIS A 306 1.82 -23.13 -3.69
CA HIS A 306 2.24 -24.08 -4.71
C HIS A 306 2.84 -23.42 -5.96
N LEU A 307 2.71 -22.11 -6.08
CA LEU A 307 3.32 -21.40 -7.22
C LEU A 307 4.69 -20.84 -6.87
N GLU A 308 5.56 -20.74 -7.89
CA GLU A 308 6.86 -20.09 -7.79
C GLU A 308 6.74 -18.66 -7.21
N ASP A 309 7.77 -18.22 -6.49
CA ASP A 309 7.86 -16.84 -5.98
C ASP A 309 6.83 -16.51 -4.90
N TYR A 310 6.56 -17.50 -4.04
CA TYR A 310 5.73 -17.26 -2.87
C TYR A 310 6.59 -16.49 -1.89
N PRO A 311 6.11 -15.32 -1.43
CA PRO A 311 6.99 -14.44 -0.69
C PRO A 311 7.14 -14.79 0.80
N PHE A 312 6.22 -15.56 1.39
CA PHE A 312 6.19 -15.69 2.86
C PHE A 312 6.85 -16.93 3.49
N ASN A 313 7.49 -17.77 2.69
CA ASN A 313 8.28 -18.86 3.26
C ASN A 313 9.64 -18.37 3.75
N ALA A 314 10.21 -17.39 3.04
CA ALA A 314 11.48 -16.79 3.47
C ALA A 314 11.35 -16.13 4.85
N GLU A 315 12.47 -16.01 5.55
CA GLU A 315 12.51 -15.36 6.86
C GLU A 315 12.17 -13.88 6.73
N TYR A 316 12.60 -13.27 5.63
CA TYR A 316 12.24 -11.90 5.29
C TYR A 316 12.49 -11.68 3.81
PA NAP B . -6.51 -1.22 8.07
O1A NAP B . -5.49 -1.79 9.01
O2A NAP B . -6.30 0.13 7.44
O5B NAP B . -7.92 -1.16 8.83
C5B NAP B . -9.12 -0.84 8.12
C4B NAP B . -10.31 -1.05 9.06
O4B NAP B . -10.12 -0.31 10.26
C3B NAP B . -11.64 -0.59 8.50
O3B NAP B . -12.66 -1.50 8.92
C2B NAP B . -11.91 0.73 9.17
O2B NAP B . -13.31 0.89 9.34
C1B NAP B . -11.23 0.56 10.52
N9A NAP B . -10.68 1.83 11.05
C8A NAP B . -10.02 2.77 10.34
N7A NAP B . -9.65 3.77 11.18
C5A NAP B . -10.07 3.44 12.42
C6A NAP B . -9.99 4.07 13.65
N6A NAP B . -9.37 5.26 13.76
N1A NAP B . -10.55 3.47 14.73
C2A NAP B . -11.17 2.29 14.63
N3A NAP B . -11.27 1.66 13.45
C4A NAP B . -10.73 2.22 12.33
O3 NAP B . -6.93 -2.34 7.00
PN NAP B . -6.52 -2.49 5.45
O1N NAP B . -7.61 -1.79 4.67
O2N NAP B . -6.28 -3.95 5.19
O5D NAP B . -5.11 -1.73 5.23
C5D NAP B . -5.06 -0.40 4.77
C4D NAP B . -4.82 -0.31 3.25
O4D NAP B . -3.67 -1.06 2.84
C3D NAP B . -5.91 -0.89 2.38
O3D NAP B . -7.16 -0.17 2.38
C2D NAP B . -5.21 -0.92 1.03
O2D NAP B . -5.26 0.37 0.39
C1D NAP B . -3.82 -1.40 1.45
N1N NAP B . -3.83 -2.88 1.22
C2N NAP B . -2.85 -3.38 0.35
C3N NAP B . -2.54 -4.73 0.32
C7N NAP B . -1.55 -5.22 -0.68
O7N NAP B . -1.44 -6.41 -0.87
N7N NAP B . -0.79 -4.29 -1.31
C4N NAP B . -3.10 -5.60 1.24
C5N NAP B . -4.01 -5.13 2.19
C6N NAP B . -4.32 -3.77 2.21
P2B NAP B . -14.18 1.88 8.40
O1X NAP B . -13.61 1.79 7.01
O2X NAP B . -15.60 1.37 8.47
O3X NAP B . -13.95 3.23 9.02
C1 DQP C . -2.04 -10.80 -0.71
C1 DQP C . -10.00 -11.34 -3.41
C2 DQP C . -2.36 -10.87 -2.06
C2 DQP C . -10.24 -9.97 -3.54
C3 DQP C . -1.77 -11.99 -0.05
C3 DQP C . -8.70 -11.78 -3.22
C4 DQP C . -2.36 -12.09 -2.73
C4 DQP C . -9.19 -9.06 -3.46
C5 DQP C . -1.78 -13.22 -0.71
C5 DQP C . -7.67 -10.89 -3.15
C6 DQP C . -2.07 -13.25 -2.06
C6 DQP C . -7.91 -9.54 -3.28
C7 DQP C . -2.11 -9.46 -0.01
C7 DQP C . -11.02 -12.45 -3.46
N8 DQP C . -3.55 -9.32 -0.07
N8 DQP C . -11.38 -12.86 -2.09
C9 DQP C . -4.45 -10.01 0.66
C9 DQP C . -11.13 -13.97 -1.39
C10 DQP C . -5.92 -9.88 0.47
C10 DQP C . -11.66 -14.16 0.02
C11 DQP C . -6.59 -8.68 0.25
C11 DQP C . -12.91 -13.65 0.33
C12 DQP C . -6.65 -11.07 0.50
C12 DQP C . -10.95 -14.90 0.97
C13 DQP C . -7.98 -8.69 0.07
C13 DQP C . -13.46 -13.84 1.57
C14 DQP C . -8.03 -11.08 0.34
C14 DQP C . -11.50 -15.08 2.24
C15 DQP C . -8.71 -9.88 0.12
C15 DQP C . -12.75 -14.55 2.53
O16 DQP C . -4.08 -10.79 1.50
O16 DQP C . -10.52 -14.92 -1.84
O17 DQP C . -5.88 -7.50 0.20
O17 DQP C . -13.64 -12.95 -0.59
C18 DQP C . -6.54 -6.27 -0.04
C18 DQP C . -13.74 -11.52 -0.53
C19 DQP C . -5.59 -5.27 -0.68
C19 DQP C . -14.03 -11.07 -1.94
O20 DQP C . -4.68 -5.65 -1.45
O20 DQP C . -13.92 -11.90 -2.86
O21 DQP C . -5.74 -4.07 -0.41
O21 DQP C . -14.40 -9.89 -2.12
CL2 DQP C . -10.49 -9.93 -0.09
CL2 DQP C . -13.54 -14.75 4.13
BR3 DQP C . -2.12 -14.91 -2.98
BR3 DQP C . -6.52 -8.35 -2.94
BR4 DQP C . -1.33 -12.03 1.78
BR4 DQP C . -8.28 -13.60 -3.06
BR5 DQP C . -2.74 -9.29 -3.03
BR5 DQP C . -11.95 -9.25 -3.81
BR6 DQP C . -1.38 -14.81 0.22
BR6 DQP C . -5.96 -11.62 -2.88
BR7 DQP C . -2.77 -12.24 -4.55
BR7 DQP C . -9.53 -7.19 -3.30
C1 EDO D . 14.44 4.97 3.12
C1 EDO D . 14.44 4.97 3.12
C1 EDO D . 14.90 5.11 1.77
O1 EDO D . 14.43 5.42 1.76
O1 EDO D . 14.43 5.42 1.76
O1 EDO D . 14.12 5.39 2.91
C2 EDO D . 13.96 6.08 4.06
C2 EDO D . 13.96 6.08 4.06
C2 EDO D . 14.55 5.94 0.56
O2 EDO D . 14.92 6.31 5.09
O2 EDO D . 14.92 6.31 5.09
O2 EDO D . 15.69 6.61 0.07
#